data_9ENW
#
_entry.id   9ENW
#
_cell.length_a   42.630
_cell.length_b   80.610
_cell.length_c   71.070
_cell.angle_alpha   90.000
_cell.angle_beta   101.400
_cell.angle_gamma   90.000
#
_symmetry.space_group_name_H-M   'P 1 21 1'
#
loop_
_entity.id
_entity.type
_entity.pdbx_description
1 polymer beta-lactamase
2 non-polymer '4-(2-HYDROXYETHYL)-1-PIPERAZINE ETHANESULFONIC ACID'
3 water water
#
_entity_poly.entity_id   1
_entity_poly.type   'polypeptide(L)'
_entity_poly.pdbx_seq_one_letter_code
;MAHHHHHHSSGLEVLFQGPASEKLTFKTDLEKLEREKAAQIGVAIVDPQGEIVAGHRMAQRFAMCSTFKFPLAALVFERI
DSGTERGDRKLSYGPDMIVEWSPATERFLASGHMTVLEAAQAAVQLSDNGATNLLLREIGGPAAMTQYFRKIGDSVSRLD
RKEPEMGDNTPGDLRDTTTPIAMARTVAKVLYGGALTSTSTHTIERWLIGNQTGDATLRAGFPKDWVVGEKTGTCANGGR
NDIGFFKAQERDYAVAVYTTAPKLSAVERDELVASVGQVITQLILSTDK
;
_entity_poly.pdbx_strand_id   A,B
#
loop_
_chem_comp.id
_chem_comp.type
_chem_comp.name
_chem_comp.formula
EPE non-polymer '4-(2-HYDROXYETHYL)-1-PIPERAZINE ETHANESULFONIC ACID' 'C8 H18 N2 O4 S'
#
# COMPACT_ATOMS: atom_id res chain seq x y z
N THR A 25 21.09 -32.37 -1.64
CA THR A 25 19.66 -32.52 -1.56
C THR A 25 18.94 -31.24 -2.05
N PHE A 26 19.62 -30.08 -2.02
CA PHE A 26 19.04 -28.86 -2.60
C PHE A 26 18.71 -29.07 -4.06
N LYS A 27 19.69 -29.55 -4.83
CA LYS A 27 19.46 -29.79 -6.25
C LYS A 27 18.34 -30.80 -6.45
N THR A 28 18.37 -31.89 -5.69
CA THR A 28 17.45 -32.98 -5.96
C THR A 28 16.05 -32.65 -5.46
N ASP A 29 15.93 -31.82 -4.41
CA ASP A 29 14.62 -31.35 -4.01
C ASP A 29 14.03 -30.47 -5.11
N LEU A 30 14.81 -29.57 -5.67
CA LEU A 30 14.28 -28.74 -6.75
C LEU A 30 13.98 -29.59 -7.97
N GLU A 31 14.79 -30.60 -8.24
CA GLU A 31 14.49 -31.46 -9.38
C GLU A 31 13.18 -32.22 -9.18
N LYS A 32 12.91 -32.67 -7.94
CA LYS A 32 11.64 -33.35 -7.65
C LYS A 32 10.45 -32.42 -7.90
N LEU A 33 10.53 -31.19 -7.41
CA LEU A 33 9.50 -30.21 -7.70
C LEU A 33 9.34 -30.02 -9.19
N GLU A 34 10.47 -29.85 -9.89
CA GLU A 34 10.42 -29.65 -11.33
C GLU A 34 9.73 -30.83 -12.01
N ARG A 35 10.09 -32.05 -11.59
CA ARG A 35 9.53 -33.22 -12.23
C ARG A 35 8.04 -33.34 -11.93
N GLU A 36 7.67 -33.20 -10.65
CA GLU A 36 6.29 -33.46 -10.27
C GLU A 36 5.35 -32.37 -10.78
N LYS A 37 5.82 -31.12 -10.87
CA LYS A 37 4.97 -30.02 -11.28
C LYS A 37 5.20 -29.60 -12.74
N ALA A 38 6.01 -30.34 -13.51
CA ALA A 38 6.19 -30.02 -14.93
C ALA A 38 6.69 -28.58 -15.08
N ALA A 39 7.72 -28.26 -14.30
CA ALA A 39 8.19 -26.89 -14.16
C ALA A 39 9.69 -26.84 -14.34
N GLN A 40 10.17 -25.65 -14.67
CA GLN A 40 11.59 -25.36 -14.59
C GLN A 40 11.80 -24.27 -13.56
N ILE A 41 12.80 -24.46 -12.72
CA ILE A 41 13.06 -23.59 -11.59
C ILE A 41 14.47 -23.07 -11.71
N GLY A 42 14.61 -21.75 -11.83
CA GLY A 42 15.90 -21.12 -11.86
C GLY A 42 16.11 -20.38 -10.55
N VAL A 43 17.21 -20.69 -9.87
CA VAL A 43 17.51 -20.08 -8.58
C VAL A 43 18.96 -19.62 -8.57
N ALA A 44 19.19 -18.49 -7.94
CA ALA A 44 20.55 -18.14 -7.54
C ALA A 44 20.52 -17.44 -6.19
N ILE A 45 21.44 -17.85 -5.31
CA ILE A 45 21.65 -17.24 -4.01
C ILE A 45 23.10 -16.78 -3.94
N VAL A 46 23.32 -15.49 -3.64
CA VAL A 46 24.66 -14.93 -3.57
C VAL A 46 24.84 -14.19 -2.23
N ASP A 47 26.10 -14.02 -1.83
CA ASP A 47 26.40 -13.27 -0.60
C ASP A 47 26.46 -11.78 -0.93
N PRO A 48 26.66 -10.92 0.07
CA PRO A 48 26.62 -9.46 -0.20
C PRO A 48 27.55 -9.00 -1.30
N GLN A 49 28.67 -9.73 -1.54
CA GLN A 49 29.62 -9.33 -2.56
C GLN A 49 29.34 -10.03 -3.88
N GLY A 50 28.20 -10.73 -3.98
CA GLY A 50 27.85 -11.44 -5.19
C GLY A 50 28.48 -12.80 -5.34
N GLU A 51 29.14 -13.31 -4.29
CA GLU A 51 29.76 -14.63 -4.39
C GLU A 51 28.68 -15.70 -4.31
N ILE A 52 28.84 -16.76 -5.10
CA ILE A 52 27.75 -17.71 -5.25
C ILE A 52 27.62 -18.53 -3.97
N VAL A 53 26.39 -18.69 -3.51
CA VAL A 53 26.06 -19.58 -2.39
C VAL A 53 25.42 -20.87 -2.90
N ALA A 54 24.40 -20.76 -3.75
CA ALA A 54 23.80 -21.93 -4.40
C ALA A 54 23.04 -21.49 -5.63
N GLY A 55 22.78 -22.45 -6.51
CA GLY A 55 22.13 -22.11 -7.76
C GLY A 55 21.53 -23.35 -8.38
N HIS A 56 20.52 -23.12 -9.20
CA HIS A 56 19.94 -24.18 -10.03
C HIS A 56 19.50 -23.52 -11.32
N ARG A 57 19.87 -24.09 -12.47
CA ARG A 57 19.61 -23.45 -13.75
C ARG A 57 19.94 -21.96 -13.66
N MET A 58 21.00 -21.59 -12.94
CA MET A 58 21.19 -20.19 -12.54
C MET A 58 21.56 -19.29 -13.70
N ALA A 59 22.02 -19.84 -14.83
CA ALA A 59 22.33 -19.01 -16.00
C ALA A 59 21.41 -19.30 -17.17
N GLN A 60 20.27 -19.94 -16.93
CA GLN A 60 19.20 -20.01 -17.92
C GLN A 60 18.38 -18.72 -17.91
N ARG A 61 18.14 -18.17 -19.10
CA ARG A 61 17.34 -16.95 -19.24
C ARG A 61 15.87 -17.24 -18.96
N PHE A 62 15.24 -16.34 -18.21
CA PHE A 62 13.81 -16.40 -17.91
C PHE A 62 13.23 -15.00 -18.11
N ALA A 63 11.96 -14.92 -18.46
CA ALA A 63 11.33 -13.59 -18.50
C ALA A 63 11.35 -12.93 -17.11
N MET A 64 11.68 -11.63 -17.09
CA MET A 64 11.72 -10.87 -15.83
C MET A 64 10.33 -10.66 -15.25
N CYS A 65 9.34 -10.40 -16.11
CA CYS A 65 8.00 -10.02 -15.61
C CYS A 65 8.22 -8.79 -14.74
N SER A 66 7.44 -8.61 -13.70
CA SER A 66 7.50 -7.39 -12.93
C SER A 66 8.74 -7.29 -12.04
N THR A 67 9.65 -8.27 -12.06
CA THR A 67 10.80 -8.19 -11.19
C THR A 67 11.74 -7.06 -11.58
N PHE A 68 11.70 -6.60 -12.83
CA PHE A 68 12.55 -5.50 -13.20
C PHE A 68 12.16 -4.21 -12.49
N LYS A 69 10.99 -4.13 -11.87
CA LYS A 69 10.55 -2.89 -11.22
C LYS A 69 11.42 -2.58 -10.02
N PHE A 70 12.05 -3.59 -9.41
CA PHE A 70 12.99 -3.31 -8.32
C PHE A 70 14.22 -2.60 -8.88
N PRO A 71 14.93 -3.16 -9.87
CA PRO A 71 16.01 -2.41 -10.53
C PRO A 71 15.60 -1.07 -11.10
N LEU A 72 14.39 -0.93 -11.62
CA LEU A 72 13.93 0.39 -12.05
C LEU A 72 13.99 1.38 -10.90
N ALA A 73 13.45 0.98 -9.74
CA ALA A 73 13.44 1.85 -8.57
C ALA A 73 14.86 2.21 -8.18
N ALA A 74 15.79 1.26 -8.31
CA ALA A 74 17.19 1.53 -7.99
C ALA A 74 17.76 2.54 -8.96
N LEU A 75 17.37 2.43 -10.22
CA LEU A 75 17.81 3.40 -11.21
C LEU A 75 17.35 4.79 -10.81
N VAL A 76 16.11 4.89 -10.32
CA VAL A 76 15.53 6.17 -9.89
C VAL A 76 16.28 6.71 -8.68
N PHE A 77 16.60 5.85 -7.71
CA PHE A 77 17.33 6.33 -6.54
C PHE A 77 18.74 6.76 -6.90
N GLU A 78 19.41 6.05 -7.80
CA GLU A 78 20.69 6.55 -8.30
C GLU A 78 20.54 7.96 -8.87
N ARG A 79 19.47 8.22 -9.63
CA ARG A 79 19.30 9.55 -10.20
C ARG A 79 19.03 10.56 -9.10
N ILE A 80 18.20 10.20 -8.11
CA ILE A 80 18.00 11.05 -6.95
C ILE A 80 19.32 11.30 -6.23
N ASP A 81 20.05 10.21 -5.93
CA ASP A 81 21.36 10.33 -5.28
C ASP A 81 22.29 11.27 -6.05
N SER A 82 22.20 11.27 -7.41
CA SER A 82 23.05 12.10 -8.26
C SER A 82 22.50 13.50 -8.45
N GLY A 83 21.23 13.74 -8.18
CA GLY A 83 20.63 15.03 -8.41
C GLY A 83 19.97 15.21 -9.76
N THR A 84 20.17 14.31 -10.72
CA THR A 84 19.50 14.44 -12.01
C THR A 84 18.01 14.17 -11.90
N GLU A 85 17.53 13.79 -10.72
CA GLU A 85 16.11 13.59 -10.51
C GLU A 85 15.81 13.97 -9.06
N ARG A 86 14.55 14.33 -8.81
CA ARG A 86 14.12 14.77 -7.50
C ARG A 86 12.95 13.90 -7.09
N GLY A 87 13.04 13.32 -5.91
CA GLY A 87 12.04 12.37 -5.48
C GLY A 87 10.64 12.92 -5.42
N ASP A 88 10.49 14.18 -5.04
CA ASP A 88 9.15 14.72 -4.89
C ASP A 88 8.67 15.43 -6.16
N ARG A 89 9.40 15.32 -7.26
CA ARG A 89 8.96 15.87 -8.52
C ARG A 89 7.66 15.21 -8.99
N LYS A 90 6.72 16.05 -9.41
CA LYS A 90 5.40 15.61 -9.83
C LYS A 90 5.40 15.19 -11.29
N LEU A 91 4.91 13.98 -11.54
CA LEU A 91 4.79 13.43 -12.89
C LEU A 91 3.34 13.40 -13.30
N SER A 92 2.97 14.31 -14.19
CA SER A 92 1.58 14.44 -14.63
C SER A 92 1.24 13.40 -15.69
N TYR A 93 0.03 12.87 -15.62
CA TYR A 93 -0.37 11.90 -16.62
C TYR A 93 -1.87 11.94 -16.77
N GLY A 94 -2.35 11.23 -17.78
CA GLY A 94 -3.76 11.11 -18.04
C GLY A 94 -4.18 9.67 -18.10
N PRO A 95 -5.43 9.45 -18.49
CA PRO A 95 -5.96 8.09 -18.52
C PRO A 95 -5.22 7.17 -19.49
N ASP A 96 -4.57 7.72 -20.52
CA ASP A 96 -3.71 6.97 -21.42
C ASP A 96 -2.66 6.12 -20.70
N MET A 97 -2.27 6.48 -19.49
CA MET A 97 -1.23 5.75 -18.79
C MET A 97 -1.79 4.59 -17.98
N ILE A 98 -3.11 4.49 -17.82
CA ILE A 98 -3.65 3.38 -17.09
C ILE A 98 -3.56 2.15 -17.98
N VAL A 99 -2.91 1.11 -17.46
CA VAL A 99 -2.85 -0.20 -18.08
C VAL A 99 -3.27 -1.23 -17.04
N GLU A 100 -3.39 -2.45 -17.49
CA GLU A 100 -3.76 -3.57 -16.64
C GLU A 100 -2.94 -3.54 -15.36
N TRP A 101 -3.61 -3.78 -14.24
CA TRP A 101 -3.04 -3.77 -12.90
C TRP A 101 -2.26 -2.48 -12.62
N SER A 102 -3.02 -1.39 -12.48
CA SER A 102 -2.47 -0.08 -12.13
C SER A 102 -3.21 0.50 -10.93
N PRO A 103 -3.24 -0.21 -9.79
CA PRO A 103 -4.15 0.20 -8.70
C PRO A 103 -3.89 1.59 -8.14
N ALA A 104 -2.63 1.98 -7.93
CA ALA A 104 -2.34 3.31 -7.42
C ALA A 104 -2.48 4.36 -8.51
N THR A 105 -2.05 4.03 -9.72
CA THR A 105 -2.15 5.00 -10.81
C THR A 105 -3.61 5.35 -11.04
N GLU A 106 -4.51 4.38 -10.93
CA GLU A 106 -5.92 4.70 -11.05
C GLU A 106 -6.38 5.61 -9.90
N ARG A 107 -5.90 5.35 -8.70
CA ARG A 107 -6.40 6.11 -7.56
C ARG A 107 -5.93 7.56 -7.63
N PHE A 108 -4.72 7.77 -8.14
CA PHE A 108 -4.15 9.09 -8.23
C PHE A 108 -4.50 9.80 -9.54
N LEU A 109 -5.30 9.17 -10.41
CA LEU A 109 -5.54 9.70 -11.75
C LEU A 109 -6.21 11.06 -11.67
N ALA A 110 -7.22 11.18 -10.82
CA ALA A 110 -7.96 12.45 -10.76
C ALA A 110 -7.04 13.58 -10.32
N SER A 111 -6.12 13.30 -9.39
CA SER A 111 -5.26 14.35 -8.89
C SER A 111 -4.35 14.86 -9.99
N GLY A 112 -4.10 14.02 -11.01
CA GLY A 112 -3.33 14.39 -12.17
C GLY A 112 -1.87 14.01 -12.12
N HIS A 113 -1.34 13.52 -11.00
CA HIS A 113 0.07 13.22 -10.95
C HIS A 113 0.36 12.19 -9.87
N MET A 114 1.51 11.53 -10.00
CA MET A 114 2.22 10.93 -8.87
C MET A 114 3.63 11.50 -8.88
N THR A 115 4.19 11.65 -7.69
CA THR A 115 5.59 12.01 -7.62
C THR A 115 6.46 10.84 -8.07
N VAL A 116 7.73 11.17 -8.35
CA VAL A 116 8.71 10.12 -8.67
C VAL A 116 8.70 9.04 -7.59
N LEU A 117 8.67 9.43 -6.31
CA LEU A 117 8.77 8.46 -5.21
C LEU A 117 7.49 7.65 -5.09
N GLU A 118 6.34 8.31 -5.11
CA GLU A 118 5.09 7.59 -5.07
C GLU A 118 5.02 6.52 -6.15
N ALA A 119 5.36 6.92 -7.37
CA ALA A 119 5.32 5.98 -8.49
C ALA A 119 6.26 4.82 -8.27
N ALA A 120 7.47 5.10 -7.79
CA ALA A 120 8.44 4.04 -7.57
C ALA A 120 7.98 3.06 -6.49
N GLN A 121 7.43 3.59 -5.40
CA GLN A 121 6.96 2.72 -4.35
C GLN A 121 5.80 1.87 -4.83
N ALA A 122 4.88 2.45 -5.60
CA ALA A 122 3.77 1.66 -6.11
C ALA A 122 4.26 0.59 -7.09
N ALA A 123 5.27 0.93 -7.90
CA ALA A 123 5.81 -0.06 -8.81
C ALA A 123 6.38 -1.24 -8.04
N VAL A 124 7.04 -0.96 -6.92
CA VAL A 124 7.69 -2.02 -6.16
C VAL A 124 6.69 -2.81 -5.35
N GLN A 125 5.83 -2.11 -4.61
CA GLN A 125 5.05 -2.75 -3.57
C GLN A 125 3.68 -3.19 -4.04
N LEU A 126 3.18 -2.62 -5.13
CA LEU A 126 1.93 -3.06 -5.74
C LEU A 126 2.15 -3.60 -7.14
N SER A 127 3.35 -3.49 -7.68
CA SER A 127 3.67 -3.91 -9.04
C SER A 127 2.88 -3.10 -10.07
N ASP A 128 2.62 -1.85 -9.73
CA ASP A 128 1.74 -1.00 -10.50
C ASP A 128 2.35 -0.75 -11.87
N ASN A 129 1.63 -1.18 -12.92
CA ASN A 129 2.19 -1.10 -14.28
C ASN A 129 2.17 0.34 -14.81
N GLY A 130 1.08 1.08 -14.60
CA GLY A 130 1.07 2.47 -15.04
C GLY A 130 2.15 3.29 -14.36
N ALA A 131 2.37 3.05 -13.08
CA ALA A 131 3.42 3.78 -12.36
C ALA A 131 4.77 3.46 -12.95
N THR A 132 4.99 2.19 -13.28
CA THR A 132 6.22 1.78 -13.91
C THR A 132 6.44 2.49 -15.24
N ASN A 133 5.41 2.48 -16.12
CA ASN A 133 5.51 3.13 -17.42
C ASN A 133 5.68 4.64 -17.26
N LEU A 134 5.00 5.21 -16.28
CA LEU A 134 5.25 6.62 -15.99
C LEU A 134 6.73 6.88 -15.71
N LEU A 135 7.38 6.02 -14.93
CA LEU A 135 8.80 6.23 -14.65
C LEU A 135 9.64 6.04 -15.91
N LEU A 136 9.34 5.00 -16.71
CA LEU A 136 10.09 4.78 -17.95
C LEU A 136 9.98 5.99 -18.87
N ARG A 137 8.78 6.55 -19.02
CA ARG A 137 8.64 7.79 -19.79
C ARG A 137 9.67 8.81 -19.35
N GLU A 138 9.92 8.90 -18.03
CA GLU A 138 10.79 9.93 -17.48
C GLU A 138 12.28 9.64 -17.65
N ILE A 139 12.71 8.37 -17.52
CA ILE A 139 14.14 8.09 -17.55
C ILE A 139 14.66 7.71 -18.93
N GLY A 140 13.78 7.49 -19.91
CA GLY A 140 14.21 7.25 -21.27
C GLY A 140 13.84 5.89 -21.80
N GLY A 141 12.91 5.24 -21.13
CA GLY A 141 12.32 4.02 -21.63
C GLY A 141 13.18 2.81 -21.38
N PRO A 142 12.75 1.70 -22.00
CA PRO A 142 13.51 0.44 -21.85
C PRO A 142 15.00 0.55 -22.10
N ALA A 143 15.43 1.29 -23.12
CA ALA A 143 16.87 1.43 -23.36
C ALA A 143 17.60 2.01 -22.14
N ALA A 144 16.98 2.99 -21.46
CA ALA A 144 17.63 3.56 -20.28
C ALA A 144 17.73 2.53 -19.16
N MET A 145 16.69 1.70 -19.02
CA MET A 145 16.75 0.65 -18.02
C MET A 145 17.88 -0.31 -18.32
N THR A 146 18.02 -0.71 -19.58
CA THR A 146 19.09 -1.63 -19.93
C THR A 146 20.44 -0.97 -19.69
N GLN A 147 20.58 0.33 -19.99
CA GLN A 147 21.85 1.02 -19.74
C GLN A 147 22.20 1.02 -18.25
N TYR A 148 21.22 1.20 -17.38
CA TYR A 148 21.50 1.13 -15.95
C TYR A 148 22.00 -0.26 -15.55
N PHE A 149 21.33 -1.33 -16.01
CA PHE A 149 21.84 -2.67 -15.76
C PHE A 149 23.32 -2.74 -16.09
N ARG A 150 23.71 -2.26 -17.28
CA ARG A 150 25.10 -2.36 -17.68
C ARG A 150 25.98 -1.55 -16.74
N LYS A 151 25.52 -0.37 -16.32
CA LYS A 151 26.32 0.48 -15.45
C LYS A 151 26.72 -0.26 -14.19
N ILE A 152 25.80 -1.00 -13.59
CA ILE A 152 26.11 -1.63 -12.33
C ILE A 152 26.69 -3.04 -12.54
N GLY A 153 27.14 -3.36 -13.75
CA GLY A 153 27.87 -4.59 -13.95
C GLY A 153 27.05 -5.79 -14.36
N ASP A 154 25.81 -5.58 -14.78
CA ASP A 154 24.92 -6.65 -15.25
C ASP A 154 24.87 -6.58 -16.77
N SER A 155 25.54 -7.51 -17.45
CA SER A 155 25.62 -7.49 -18.91
C SER A 155 24.57 -8.40 -19.54
N VAL A 156 23.64 -8.89 -18.73
CA VAL A 156 22.70 -9.93 -19.11
C VAL A 156 21.28 -9.40 -19.11
N SER A 157 20.86 -8.80 -18.00
CA SER A 157 19.48 -8.36 -17.91
C SER A 157 19.18 -7.35 -19.02
N ARG A 158 17.97 -7.41 -19.57
CA ARG A 158 17.60 -6.48 -20.63
C ARG A 158 16.12 -6.17 -20.57
N LEU A 159 15.79 -4.88 -20.56
CA LEU A 159 14.42 -4.46 -20.77
C LEU A 159 14.30 -3.97 -22.21
N ASP A 160 13.33 -4.53 -22.94
CA ASP A 160 13.10 -4.20 -24.34
C ASP A 160 11.76 -3.55 -24.57
N ARG A 161 10.78 -3.75 -23.69
CA ARG A 161 9.45 -3.17 -23.87
C ARG A 161 8.94 -2.64 -22.53
N LYS A 162 7.89 -1.81 -22.62
CA LYS A 162 7.21 -1.35 -21.42
C LYS A 162 6.12 -2.35 -21.04
N GLU A 163 5.36 -2.02 -20.00
CA GLU A 163 4.28 -2.89 -19.62
C GLU A 163 3.03 -2.60 -20.45
N PRO A 164 2.19 -3.62 -20.66
CA PRO A 164 2.30 -4.99 -20.16
C PRO A 164 3.00 -5.94 -21.13
N GLU A 165 3.38 -5.50 -22.33
CA GLU A 165 3.83 -6.45 -23.33
C GLU A 165 5.15 -7.09 -22.94
N MET A 166 5.97 -6.40 -22.13
CA MET A 166 7.25 -6.98 -21.72
C MET A 166 7.08 -8.30 -20.98
N GLY A 167 5.91 -8.59 -20.44
CA GLY A 167 5.65 -9.85 -19.78
C GLY A 167 5.02 -10.90 -20.67
N ASP A 168 5.04 -10.68 -21.99
CA ASP A 168 4.47 -11.62 -22.94
C ASP A 168 5.05 -13.02 -22.72
N ASN A 169 6.35 -13.08 -22.44
CA ASN A 169 7.03 -14.33 -22.12
C ASN A 169 6.89 -15.38 -23.22
N THR A 170 7.03 -14.94 -24.46
CA THR A 170 6.90 -15.87 -25.57
C THR A 170 8.01 -16.91 -25.50
N PRO A 171 7.71 -18.19 -25.67
CA PRO A 171 8.74 -19.20 -25.47
C PRO A 171 9.94 -18.92 -26.34
N GLY A 172 11.10 -18.84 -25.69
CA GLY A 172 12.35 -18.68 -26.40
C GLY A 172 12.77 -17.25 -26.64
N ASP A 173 11.86 -16.30 -26.52
CA ASP A 173 12.19 -14.89 -26.71
C ASP A 173 13.15 -14.46 -25.62
N LEU A 174 14.31 -13.91 -26.02
CA LEU A 174 15.27 -13.35 -25.08
C LEU A 174 15.01 -11.90 -24.71
N ARG A 175 14.03 -11.26 -25.36
CA ARG A 175 13.65 -9.93 -24.93
C ARG A 175 13.20 -10.00 -23.48
N ASP A 176 13.49 -8.94 -22.73
CA ASP A 176 12.87 -8.74 -21.41
C ASP A 176 13.23 -9.85 -20.43
N THR A 177 14.41 -10.42 -20.58
CA THR A 177 14.85 -11.54 -19.77
C THR A 177 16.03 -11.17 -18.89
N THR A 178 16.26 -12.02 -17.88
CA THR A 178 17.45 -11.99 -17.04
C THR A 178 17.85 -13.45 -16.81
N THR A 179 18.93 -13.65 -16.07
CA THR A 179 19.22 -14.98 -15.49
C THR A 179 19.15 -14.91 -13.98
N PRO A 180 18.91 -16.05 -13.33
CA PRO A 180 18.89 -16.03 -11.86
C PRO A 180 20.15 -15.44 -11.28
N ILE A 181 21.31 -15.86 -11.79
CA ILE A 181 22.57 -15.38 -11.23
C ILE A 181 22.75 -13.90 -11.53
N ALA A 182 22.36 -13.46 -12.71
CA ALA A 182 22.56 -12.05 -13.05
C ALA A 182 21.72 -11.16 -12.15
N MET A 183 20.44 -11.51 -12.01
CA MET A 183 19.57 -10.67 -11.20
C MET A 183 19.98 -10.71 -9.74
N ALA A 184 20.28 -11.90 -9.22
CA ALA A 184 20.69 -12.00 -7.82
C ALA A 184 21.89 -11.10 -7.55
N ARG A 185 22.86 -11.06 -8.49
CA ARG A 185 24.00 -10.20 -8.29
C ARG A 185 23.63 -8.73 -8.41
N THR A 186 22.63 -8.39 -9.22
CA THR A 186 22.21 -7.00 -9.27
C THR A 186 21.52 -6.60 -7.98
N VAL A 187 20.75 -7.53 -7.42
CA VAL A 187 20.13 -7.30 -6.12
C VAL A 187 21.20 -6.98 -5.09
N ALA A 188 22.25 -7.81 -5.04
CA ALA A 188 23.31 -7.59 -4.07
C ALA A 188 24.05 -6.28 -4.33
N LYS A 189 24.34 -5.95 -5.58
CA LYS A 189 25.00 -4.67 -5.82
C LYS A 189 24.13 -3.51 -5.30
N VAL A 190 22.82 -3.61 -5.47
CA VAL A 190 21.91 -2.53 -5.06
C VAL A 190 21.82 -2.44 -3.54
N LEU A 191 21.73 -3.57 -2.87
CA LEU A 191 21.45 -3.59 -1.45
C LEU A 191 22.71 -3.56 -0.59
N TYR A 192 23.83 -4.08 -1.11
CA TYR A 192 25.05 -4.28 -0.33
C TYR A 192 26.32 -3.76 -0.99
N GLY A 193 26.33 -3.55 -2.29
CA GLY A 193 27.56 -3.26 -3.00
C GLY A 193 27.69 -1.81 -3.40
N GLY A 194 26.99 -0.94 -2.67
CA GLY A 194 27.22 0.48 -2.77
C GLY A 194 26.66 1.18 -3.99
N ALA A 195 25.70 0.56 -4.68
CA ALA A 195 25.07 1.23 -5.82
C ALA A 195 24.33 2.49 -5.40
N LEU A 196 23.79 2.52 -4.18
CA LEU A 196 23.04 3.65 -3.70
C LEU A 196 23.66 4.20 -2.43
N THR A 197 23.33 5.43 -2.11
CA THR A 197 23.71 5.98 -0.81
C THR A 197 23.08 5.14 0.29
N SER A 198 23.68 5.21 1.48
CA SER A 198 23.13 4.53 2.65
C SER A 198 21.66 4.84 2.82
N THR A 199 21.28 6.11 2.63
CA THR A 199 19.90 6.52 2.84
C THR A 199 18.98 5.90 1.79
N SER A 200 19.32 6.03 0.50
CA SER A 200 18.47 5.45 -0.54
C SER A 200 18.44 3.93 -0.47
N THR A 201 19.56 3.32 -0.10
CA THR A 201 19.61 1.88 0.14
C THR A 201 18.61 1.49 1.23
N HIS A 202 18.63 2.20 2.35
CA HIS A 202 17.74 1.85 3.44
C HIS A 202 16.30 1.95 2.96
N THR A 203 15.98 2.99 2.20
CA THR A 203 14.60 3.20 1.79
C THR A 203 14.12 2.05 0.93
N ILE A 204 14.95 1.64 -0.05
CA ILE A 204 14.50 0.63 -1.00
C ILE A 204 14.47 -0.73 -0.32
N GLU A 205 15.37 -0.98 0.62
CA GLU A 205 15.25 -2.19 1.44
C GLU A 205 13.89 -2.24 2.14
N ARG A 206 13.49 -1.12 2.80
CA ARG A 206 12.22 -1.16 3.53
C ARG A 206 11.04 -1.34 2.60
N TRP A 207 11.13 -0.83 1.36
CA TRP A 207 10.02 -0.99 0.43
C TRP A 207 9.83 -2.45 0.06
N LEU A 208 10.96 -3.18 -0.08
CA LEU A 208 10.93 -4.61 -0.37
C LEU A 208 10.35 -5.41 0.80
N ILE A 209 10.78 -5.10 2.02
CA ILE A 209 10.17 -5.73 3.20
C ILE A 209 8.67 -5.53 3.18
N GLY A 210 8.23 -4.31 2.86
CA GLY A 210 6.84 -3.97 2.92
C GLY A 210 6.05 -4.31 1.68
N ASN A 211 6.65 -5.08 0.76
CA ASN A 211 5.97 -5.45 -0.48
C ASN A 211 4.62 -6.04 -0.13
N GLN A 212 3.58 -5.65 -0.85
CA GLN A 212 2.26 -6.15 -0.57
C GLN A 212 1.87 -7.37 -1.38
N THR A 213 2.73 -7.82 -2.31
CA THR A 213 2.32 -8.82 -3.30
C THR A 213 2.92 -10.20 -3.10
N GLY A 214 3.83 -10.38 -2.14
CA GLY A 214 4.58 -11.59 -1.94
C GLY A 214 4.25 -12.46 -0.74
N ASP A 215 3.09 -12.27 -0.12
CA ASP A 215 2.78 -13.06 1.07
C ASP A 215 2.65 -14.56 0.77
N ALA A 216 2.44 -14.96 -0.48
CA ALA A 216 2.20 -16.36 -0.79
C ALA A 216 3.34 -17.00 -1.56
N THR A 217 4.41 -16.27 -1.82
CA THR A 217 5.53 -16.76 -2.62
C THR A 217 6.72 -16.98 -1.69
N LEU A 218 7.93 -16.53 -1.99
CA LEU A 218 9.10 -16.96 -1.25
C LEU A 218 8.94 -16.80 0.25
N ARG A 219 8.58 -15.60 0.71
CA ARG A 219 8.58 -15.35 2.14
C ARG A 219 7.64 -16.29 2.87
N ALA A 220 6.68 -16.87 2.16
CA ALA A 220 5.79 -17.88 2.72
C ALA A 220 6.55 -19.14 3.17
N GLY A 221 7.65 -19.47 2.50
CA GLY A 221 8.45 -20.64 2.75
C GLY A 221 9.74 -20.36 3.50
N PHE A 222 9.96 -19.08 3.97
CA PHE A 222 11.10 -18.70 4.78
C PHE A 222 10.70 -18.66 6.26
N PRO A 223 11.64 -18.90 7.17
CA PRO A 223 11.32 -18.76 8.60
C PRO A 223 10.80 -17.36 8.93
N LYS A 224 9.91 -17.29 9.91
CA LYS A 224 9.23 -16.02 10.17
C LYS A 224 10.08 -15.04 10.95
N ASP A 225 11.28 -15.46 11.39
CA ASP A 225 12.21 -14.56 12.05
C ASP A 225 13.30 -14.07 11.12
N TRP A 226 13.32 -14.54 9.86
CA TRP A 226 14.19 -13.98 8.84
C TRP A 226 13.59 -12.69 8.30
N VAL A 227 14.43 -11.66 8.18
CA VAL A 227 14.02 -10.43 7.51
C VAL A 227 14.11 -10.66 6.00
N VAL A 228 12.97 -10.60 5.33
CA VAL A 228 12.80 -10.86 3.91
C VAL A 228 12.23 -9.61 3.24
N GLY A 229 12.80 -9.20 2.11
CA GLY A 229 12.15 -8.21 1.25
C GLY A 229 12.28 -8.68 -0.18
N GLU A 230 11.25 -8.51 -0.99
CA GLU A 230 11.29 -9.08 -2.33
C GLU A 230 10.30 -8.40 -3.26
N LYS A 231 10.44 -8.69 -4.55
CA LYS A 231 9.54 -8.23 -5.59
C LYS A 231 9.10 -9.43 -6.42
N THR A 232 7.79 -9.60 -6.60
CA THR A 232 7.28 -10.72 -7.35
C THR A 232 7.22 -10.40 -8.86
N GLY A 233 6.96 -11.44 -9.62
CA GLY A 233 6.68 -11.29 -11.03
C GLY A 233 5.75 -12.41 -11.43
N THR A 234 4.81 -12.08 -12.29
CA THR A 234 3.97 -13.06 -12.99
C THR A 234 3.99 -12.73 -14.47
N CYS A 235 4.27 -13.73 -15.31
CA CYS A 235 4.16 -13.60 -16.75
C CYS A 235 3.17 -14.60 -17.30
N ALA A 236 2.65 -14.29 -18.48
CA ALA A 236 1.94 -15.25 -19.31
C ALA A 236 2.79 -16.49 -19.53
N ASN A 237 2.19 -17.56 -20.01
CA ASN A 237 2.90 -18.82 -20.29
C ASN A 237 3.56 -19.41 -19.03
N GLY A 238 2.98 -19.16 -17.86
CA GLY A 238 3.37 -19.87 -16.65
C GLY A 238 4.56 -19.33 -15.92
N GLY A 239 4.91 -18.07 -16.10
CA GLY A 239 6.03 -17.47 -15.40
C GLY A 239 5.60 -16.97 -14.03
N ARG A 240 6.37 -17.36 -13.00
CA ARG A 240 6.17 -16.86 -11.63
C ARG A 240 7.54 -16.69 -10.99
N ASN A 241 7.86 -15.46 -10.57
CA ASN A 241 9.19 -15.11 -10.08
C ASN A 241 9.14 -14.34 -8.76
N ASP A 242 10.28 -14.32 -8.05
CA ASP A 242 10.39 -13.57 -6.81
C ASP A 242 11.87 -13.31 -6.60
N ILE A 243 12.24 -12.06 -6.40
CA ILE A 243 13.65 -11.72 -6.21
C ILE A 243 13.72 -10.76 -5.04
N GLY A 244 14.87 -10.77 -4.36
CA GLY A 244 15.08 -9.91 -3.21
C GLY A 244 16.22 -10.37 -2.33
N PHE A 245 16.04 -10.28 -1.01
CA PHE A 245 17.11 -10.51 -0.05
C PHE A 245 16.57 -11.18 1.20
N PHE A 246 17.43 -11.86 1.94
CA PHE A 246 16.97 -12.30 3.25
C PHE A 246 18.13 -12.24 4.22
N LYS A 247 17.78 -12.09 5.48
CA LYS A 247 18.75 -11.98 6.56
C LYS A 247 18.39 -13.11 7.52
N ALA A 248 19.21 -14.16 7.53
CA ALA A 248 19.01 -15.28 8.45
C ALA A 248 20.00 -15.07 9.61
N GLN A 249 19.48 -14.53 10.72
CA GLN A 249 20.30 -14.05 11.85
C GLN A 249 21.19 -12.94 11.34
N GLU A 250 22.53 -13.10 11.34
CA GLU A 250 23.46 -12.05 10.98
C GLU A 250 24.06 -12.29 9.60
N ARG A 251 23.37 -13.05 8.76
CA ARG A 251 23.88 -13.43 7.45
C ARG A 251 22.94 -12.89 6.39
N ASP A 252 23.46 -12.01 5.52
CA ASP A 252 22.68 -11.38 4.46
C ASP A 252 22.86 -12.13 3.15
N TYR A 253 21.76 -12.37 2.43
CA TYR A 253 21.80 -13.03 1.13
C TYR A 253 20.92 -12.28 0.13
N ALA A 254 21.31 -12.34 -1.15
CA ALA A 254 20.48 -11.92 -2.26
C ALA A 254 20.00 -13.16 -3.00
N VAL A 255 18.74 -13.15 -3.44
CA VAL A 255 18.13 -14.34 -3.99
C VAL A 255 17.26 -13.94 -5.17
N ALA A 256 17.30 -14.77 -6.20
CA ALA A 256 16.45 -14.62 -7.37
C ALA A 256 15.87 -15.97 -7.75
N VAL A 257 14.56 -16.02 -7.92
CA VAL A 257 13.88 -17.25 -8.28
C VAL A 257 12.97 -16.93 -9.46
N TYR A 258 13.20 -17.61 -10.58
CA TYR A 258 12.34 -17.53 -11.76
C TYR A 258 11.81 -18.93 -12.05
N THR A 259 10.51 -19.04 -12.34
CA THR A 259 9.98 -20.37 -12.57
C THR A 259 8.98 -20.29 -13.70
N THR A 260 8.94 -21.40 -14.44
CA THR A 260 8.06 -21.59 -15.56
C THR A 260 7.28 -22.86 -15.31
N ALA A 261 5.97 -22.74 -15.19
CA ALA A 261 5.09 -23.88 -14.95
C ALA A 261 3.81 -23.68 -15.75
N PRO A 262 3.83 -24.02 -17.04
CA PRO A 262 2.67 -23.70 -17.89
C PRO A 262 1.38 -24.36 -17.46
N LYS A 263 1.45 -25.51 -16.79
CA LYS A 263 0.27 -26.31 -16.51
C LYS A 263 -0.24 -26.15 -15.10
N LEU A 264 0.48 -25.44 -14.25
CA LEU A 264 0.01 -25.18 -12.90
C LEU A 264 -1.02 -24.05 -12.90
N SER A 265 -1.90 -24.11 -11.91
CA SER A 265 -2.75 -22.97 -11.60
C SER A 265 -1.94 -21.86 -10.92
N ALA A 266 -2.54 -20.67 -10.87
CA ALA A 266 -1.85 -19.54 -10.25
C ALA A 266 -1.53 -19.81 -8.78
N VAL A 267 -2.47 -20.40 -8.03
CA VAL A 267 -2.19 -20.67 -6.62
C VAL A 267 -1.11 -21.75 -6.51
N GLU A 268 -1.21 -22.79 -7.34
CA GLU A 268 -0.14 -23.80 -7.39
C GLU A 268 1.20 -23.14 -7.72
N ARG A 269 1.18 -22.13 -8.59
CA ARG A 269 2.42 -21.44 -8.91
C ARG A 269 2.96 -20.66 -7.71
N ASP A 270 2.08 -19.91 -7.00
CA ASP A 270 2.50 -19.30 -5.74
C ASP A 270 3.17 -20.36 -4.86
N GLU A 271 2.49 -21.49 -4.74
CA GLU A 271 2.93 -22.50 -3.79
C GLU A 271 4.19 -23.20 -4.26
N LEU A 272 4.43 -23.22 -5.58
CA LEU A 272 5.72 -23.68 -6.06
C LEU A 272 6.82 -22.77 -5.54
N VAL A 273 6.64 -21.47 -5.65
CA VAL A 273 7.70 -20.56 -5.24
C VAL A 273 7.90 -20.65 -3.73
N ALA A 274 6.81 -20.77 -2.98
CA ALA A 274 6.91 -20.99 -1.54
C ALA A 274 7.75 -22.23 -1.24
N SER A 275 7.51 -23.31 -1.98
CA SER A 275 8.30 -24.53 -1.78
C SER A 275 9.78 -24.28 -2.06
N VAL A 276 10.09 -23.56 -3.13
CA VAL A 276 11.48 -23.19 -3.35
C VAL A 276 12.00 -22.45 -2.14
N GLY A 277 11.17 -21.57 -1.59
CA GLY A 277 11.50 -20.94 -0.31
C GLY A 277 11.93 -21.93 0.73
N GLN A 278 11.17 -23.02 0.88
CA GLN A 278 11.47 -24.01 1.90
C GLN A 278 12.76 -24.73 1.62
N VAL A 279 12.97 -25.07 0.35
CA VAL A 279 14.18 -25.79 -0.03
C VAL A 279 15.39 -24.91 0.22
N ILE A 280 15.24 -23.62 -0.08
CA ILE A 280 16.29 -22.65 0.24
C ILE A 280 16.56 -22.63 1.73
N THR A 281 15.50 -22.65 2.54
CA THR A 281 15.66 -22.63 3.99
C THR A 281 16.38 -23.89 4.46
N GLN A 282 15.90 -25.06 4.03
CA GLN A 282 16.55 -26.31 4.43
C GLN A 282 18.06 -26.26 4.14
N LEU A 283 18.46 -25.61 3.03
CA LEU A 283 19.90 -25.48 2.76
C LEU A 283 20.58 -24.54 3.74
N ILE A 284 20.06 -23.31 3.88
CA ILE A 284 20.71 -22.34 4.75
C ILE A 284 20.82 -22.86 6.17
N LEU A 285 19.79 -23.58 6.64
CA LEU A 285 19.82 -24.04 8.03
C LEU A 285 20.83 -25.17 8.23
N SER A 286 21.08 -25.99 7.21
CA SER A 286 22.22 -26.90 7.28
C SER A 286 23.43 -26.08 7.80
N LYS B 23 -31.82 19.69 -1.70
CA LYS B 23 -31.67 19.33 -0.28
C LYS B 23 -32.84 18.49 0.20
N LEU B 24 -34.05 18.83 -0.21
CA LEU B 24 -35.18 17.95 0.07
C LEU B 24 -35.06 16.66 -0.72
N THR B 25 -34.54 16.73 -1.95
CA THR B 25 -34.18 15.52 -2.66
C THR B 25 -33.13 14.74 -1.86
N PHE B 26 -32.13 15.45 -1.33
CA PHE B 26 -31.05 14.81 -0.59
C PHE B 26 -31.58 14.08 0.65
N LYS B 27 -32.41 14.75 1.44
CA LYS B 27 -33.00 14.12 2.61
C LYS B 27 -33.95 12.99 2.20
N THR B 28 -34.81 13.25 1.22
CA THR B 28 -35.78 12.24 0.82
C THR B 28 -35.10 10.99 0.27
N ASP B 29 -34.09 11.17 -0.59
CA ASP B 29 -33.41 10.01 -1.13
C ASP B 29 -32.61 9.27 -0.05
N LEU B 30 -32.04 9.96 0.92
CA LEU B 30 -31.38 9.24 2.00
C LEU B 30 -32.39 8.48 2.85
N GLU B 31 -33.54 9.09 3.13
CA GLU B 31 -34.49 8.43 4.00
C GLU B 31 -35.17 7.26 3.31
N LYS B 32 -35.22 7.28 1.98
CA LYS B 32 -35.72 6.13 1.23
C LYS B 32 -34.76 4.95 1.36
N LEU B 33 -33.45 5.24 1.34
CA LEU B 33 -32.45 4.19 1.50
C LEU B 33 -32.48 3.60 2.91
N GLU B 34 -32.68 4.44 3.92
CA GLU B 34 -32.80 3.95 5.29
C GLU B 34 -33.96 2.97 5.41
N ARG B 35 -35.12 3.35 4.90
CA ARG B 35 -36.26 2.45 4.93
C ARG B 35 -35.93 1.14 4.24
N GLU B 36 -35.46 1.23 3.00
CA GLU B 36 -35.39 0.01 2.20
C GLU B 36 -34.29 -0.91 2.64
N LYS B 37 -33.21 -0.38 3.21
CA LYS B 37 -32.10 -1.19 3.70
C LYS B 37 -32.15 -1.45 5.20
N ALA B 38 -33.18 -0.97 5.89
CA ALA B 38 -33.26 -1.09 7.35
C ALA B 38 -31.99 -0.52 7.98
N ALA B 39 -31.69 0.73 7.64
CA ALA B 39 -30.41 1.33 7.95
C ALA B 39 -30.57 2.72 8.53
N GLN B 40 -29.51 3.21 9.17
CA GLN B 40 -29.43 4.60 9.62
C GLN B 40 -28.20 5.21 8.99
N ILE B 41 -28.38 6.33 8.27
CA ILE B 41 -27.33 6.96 7.49
C ILE B 41 -27.04 8.31 8.10
N GLY B 42 -25.80 8.53 8.53
CA GLY B 42 -25.34 9.84 8.98
C GLY B 42 -24.39 10.47 7.98
N VAL B 43 -24.67 11.72 7.61
CA VAL B 43 -23.89 12.42 6.59
C VAL B 43 -23.71 13.87 7.02
N ALA B 44 -22.46 14.36 6.94
CA ALA B 44 -22.18 15.78 6.99
C ALA B 44 -21.25 16.12 5.83
N ILE B 45 -21.59 17.18 5.10
CA ILE B 45 -20.70 17.77 4.11
C ILE B 45 -20.49 19.21 4.54
N VAL B 46 -19.23 19.63 4.67
CA VAL B 46 -18.90 20.99 5.06
C VAL B 46 -17.91 21.59 4.08
N ASP B 47 -17.84 22.93 4.05
CA ASP B 47 -16.87 23.61 3.21
C ASP B 47 -15.58 23.77 4.01
N PRO B 48 -14.53 24.34 3.41
CA PRO B 48 -13.23 24.36 4.10
C PRO B 48 -13.25 25.01 5.46
N GLN B 49 -14.17 25.94 5.69
CA GLN B 49 -14.30 26.62 6.98
C GLN B 49 -15.26 25.91 7.92
N GLY B 50 -15.82 24.79 7.50
CA GLY B 50 -16.68 24.02 8.34
C GLY B 50 -18.13 24.38 8.28
N GLU B 51 -18.52 25.23 7.34
CA GLU B 51 -19.93 25.59 7.19
C GLU B 51 -20.66 24.46 6.49
N ILE B 52 -21.89 24.23 6.92
CA ILE B 52 -22.64 23.06 6.51
C ILE B 52 -23.17 23.25 5.10
N VAL B 53 -22.86 22.28 4.25
CA VAL B 53 -23.43 22.20 2.92
C VAL B 53 -24.70 21.37 2.94
N ALA B 54 -24.63 20.18 3.52
CA ALA B 54 -25.82 19.34 3.66
C ALA B 54 -25.50 18.28 4.72
N GLY B 55 -26.55 17.69 5.27
CA GLY B 55 -26.38 16.65 6.27
C GLY B 55 -27.64 15.86 6.50
N HIS B 56 -27.48 14.77 7.24
CA HIS B 56 -28.59 13.92 7.66
C HIS B 56 -28.18 13.22 8.95
N ARG B 57 -29.01 13.32 9.99
CA ARG B 57 -28.67 12.75 11.29
C ARG B 57 -27.30 13.24 11.80
N MET B 58 -26.98 14.51 11.54
CA MET B 58 -25.57 14.85 11.73
C MET B 58 -25.18 15.17 13.16
N ALA B 59 -26.12 15.24 14.12
CA ALA B 59 -25.78 15.31 15.53
C ALA B 59 -25.95 13.97 16.25
N GLN B 60 -26.13 12.89 15.51
CA GLN B 60 -26.33 11.57 16.08
C GLN B 60 -25.00 10.81 16.12
N ARG B 61 -24.83 10.02 17.19
CA ARG B 61 -23.57 9.32 17.43
C ARG B 61 -23.54 8.00 16.67
N PHE B 62 -22.36 7.74 16.07
CA PHE B 62 -22.04 6.50 15.37
C PHE B 62 -20.66 6.04 15.81
N ALA B 63 -20.44 4.73 15.80
CA ALA B 63 -19.08 4.25 16.01
C ALA B 63 -18.17 4.74 14.88
N MET B 64 -16.98 5.16 15.29
CA MET B 64 -15.99 5.63 14.32
C MET B 64 -15.40 4.47 13.51
N CYS B 65 -15.32 3.27 14.10
CA CYS B 65 -14.53 2.19 13.49
C CYS B 65 -13.19 2.75 13.02
N SER B 66 -12.65 2.25 11.90
CA SER B 66 -11.31 2.66 11.51
C SER B 66 -11.22 4.08 10.95
N THR B 67 -12.32 4.83 10.80
CA THR B 67 -12.19 6.20 10.34
C THR B 67 -11.29 7.05 11.25
N PHE B 68 -11.06 6.65 12.50
CA PHE B 68 -10.23 7.46 13.41
C PHE B 68 -8.77 7.45 13.01
N LYS B 69 -8.35 6.47 12.22
CA LYS B 69 -6.95 6.37 11.87
C LYS B 69 -6.49 7.57 11.05
N PHE B 70 -7.40 8.24 10.33
CA PHE B 70 -7.03 9.49 9.68
C PHE B 70 -6.76 10.59 10.71
N PRO B 71 -7.65 10.88 11.66
CA PRO B 71 -7.25 11.79 12.74
C PRO B 71 -6.01 11.34 13.51
N LEU B 72 -5.80 10.03 13.63
CA LEU B 72 -4.59 9.57 14.31
C LEU B 72 -3.34 10.02 13.57
N ALA B 73 -3.33 9.86 12.25
CA ALA B 73 -2.22 10.39 11.45
C ALA B 73 -2.08 11.91 11.62
N ALA B 74 -3.19 12.63 11.72
CA ALA B 74 -3.09 14.08 11.85
C ALA B 74 -2.40 14.45 13.16
N LEU B 75 -2.81 13.80 14.26
CA LEU B 75 -2.13 13.95 15.53
C LEU B 75 -0.63 13.72 15.40
N VAL B 76 -0.23 12.64 14.72
CA VAL B 76 1.18 12.33 14.50
C VAL B 76 1.86 13.47 13.75
N PHE B 77 1.23 13.96 12.69
CA PHE B 77 1.82 15.07 11.93
C PHE B 77 1.90 16.34 12.75
N GLU B 78 0.92 16.57 13.63
CA GLU B 78 1.04 17.72 14.50
C GLU B 78 2.29 17.61 15.39
N ARG B 79 2.58 16.39 15.87
CA ARG B 79 3.76 16.21 16.70
C ARG B 79 5.03 16.41 15.90
N ILE B 80 5.07 15.89 14.68
CA ILE B 80 6.18 16.16 13.76
C ILE B 80 6.34 17.67 13.53
N ASP B 81 5.23 18.35 13.23
CA ASP B 81 5.26 19.81 13.07
C ASP B 81 5.87 20.51 14.28
N SER B 82 5.35 20.21 15.49
CA SER B 82 5.80 20.88 16.71
C SER B 82 7.20 20.45 17.11
N GLY B 83 7.64 19.28 16.62
CA GLY B 83 8.95 18.74 16.92
C GLY B 83 8.97 17.71 18.02
N THR B 84 7.80 17.34 18.57
CA THR B 84 7.79 16.40 19.67
C THR B 84 7.90 14.96 19.17
N GLU B 85 7.85 14.76 17.87
CA GLU B 85 7.96 13.44 17.28
C GLU B 85 8.72 13.57 15.97
N ARG B 86 9.33 12.47 15.52
CA ARG B 86 10.10 12.47 14.28
C ARG B 86 9.59 11.35 13.39
N GLY B 87 9.35 11.65 12.12
CA GLY B 87 8.75 10.68 11.22
C GLY B 87 9.57 9.43 11.03
N ASP B 88 10.89 9.55 11.12
CA ASP B 88 11.75 8.40 10.88
C ASP B 88 12.08 7.60 12.14
N ARG B 89 11.44 7.91 13.26
CA ARG B 89 11.75 7.20 14.51
C ARG B 89 11.25 5.78 14.44
N LYS B 90 12.11 4.85 14.82
CA LYS B 90 11.78 3.43 14.74
C LYS B 90 10.99 3.01 15.99
N LEU B 91 9.83 2.41 15.76
CA LEU B 91 8.94 1.92 16.81
C LEU B 91 9.07 0.39 16.87
N SER B 92 9.83 -0.08 17.85
CA SER B 92 10.10 -1.51 17.99
C SER B 92 8.88 -2.22 18.51
N TYR B 93 8.66 -3.43 18.01
CA TYR B 93 7.61 -4.30 18.52
C TYR B 93 7.96 -5.75 18.25
N GLY B 94 7.21 -6.63 18.91
CA GLY B 94 7.29 -8.06 18.77
C GLY B 94 5.93 -8.60 18.38
N PRO B 95 5.76 -9.92 18.36
CA PRO B 95 4.51 -10.49 17.80
C PRO B 95 3.26 -10.18 18.61
N ASP B 96 3.35 -9.73 19.88
CA ASP B 96 2.13 -9.41 20.62
C ASP B 96 1.41 -8.19 20.02
N MET B 97 2.09 -7.42 19.18
CA MET B 97 1.50 -6.24 18.56
C MET B 97 0.63 -6.61 17.37
N ILE B 98 0.76 -7.83 16.86
CA ILE B 98 -0.01 -8.27 15.71
C ILE B 98 -1.42 -8.63 16.15
N VAL B 99 -2.41 -8.08 15.46
CA VAL B 99 -3.82 -8.34 15.69
C VAL B 99 -4.46 -8.51 14.32
N GLU B 100 -5.74 -8.88 14.34
CA GLU B 100 -6.48 -9.08 13.11
C GLU B 100 -6.32 -7.89 12.19
N TRP B 101 -6.07 -8.19 10.90
CA TRP B 101 -5.86 -7.19 9.86
CA TRP B 101 -5.85 -7.21 9.85
C TRP B 101 -4.68 -6.28 10.19
N SER B 102 -3.49 -6.87 10.14
CA SER B 102 -2.23 -6.14 10.33
C SER B 102 -1.27 -6.50 9.21
N PRO B 103 -1.64 -6.23 7.96
CA PRO B 103 -0.85 -6.77 6.82
C PRO B 103 0.57 -6.21 6.79
N ALA B 104 0.76 -4.90 6.97
CA ALA B 104 2.11 -4.34 7.01
C ALA B 104 2.84 -4.72 8.29
N THR B 105 2.20 -4.53 9.47
CA THR B 105 2.82 -4.91 10.73
C THR B 105 3.36 -6.34 10.64
N GLU B 106 2.60 -7.27 10.06
CA GLU B 106 3.10 -8.63 9.90
C GLU B 106 4.36 -8.68 9.03
N ARG B 107 4.37 -7.96 7.89
CA ARG B 107 5.54 -8.02 7.02
C ARG B 107 6.77 -7.44 7.69
N PHE B 108 6.61 -6.38 8.48
CA PHE B 108 7.75 -5.73 9.08
C PHE B 108 8.16 -6.40 10.38
N LEU B 109 7.38 -7.40 10.84
CA LEU B 109 7.63 -7.96 12.17
C LEU B 109 9.07 -8.39 12.32
N ALA B 110 9.59 -9.20 11.38
CA ALA B 110 10.93 -9.74 11.56
C ALA B 110 11.97 -8.66 11.64
N SER B 111 11.78 -7.57 10.88
CA SER B 111 12.71 -6.46 10.95
C SER B 111 12.75 -5.84 12.34
N GLY B 112 11.70 -6.02 13.13
CA GLY B 112 11.66 -5.55 14.50
C GLY B 112 10.99 -4.20 14.70
N HIS B 113 10.56 -3.53 13.63
CA HIS B 113 10.02 -2.18 13.78
C HIS B 113 9.33 -1.71 12.50
N MET B 114 8.49 -0.67 12.71
CA MET B 114 8.04 0.28 11.71
C MET B 114 8.37 1.69 12.22
N THR B 115 8.75 2.58 11.32
CA THR B 115 8.87 3.96 11.72
C THR B 115 7.51 4.55 12.03
N VAL B 116 7.53 5.68 12.73
CA VAL B 116 6.35 6.51 12.89
C VAL B 116 5.63 6.72 11.54
N LEU B 117 6.34 7.15 10.50
CA LEU B 117 5.66 7.42 9.24
C LEU B 117 5.18 6.14 8.57
N GLU B 118 5.98 5.08 8.60
CA GLU B 118 5.54 3.82 8.02
C GLU B 118 4.25 3.35 8.68
N ALA B 119 4.24 3.31 10.01
CA ALA B 119 3.05 2.91 10.74
C ALA B 119 1.88 3.81 10.41
N ALA B 120 2.11 5.12 10.36
CA ALA B 120 1.01 6.02 10.05
C ALA B 120 0.43 5.76 8.65
N GLN B 121 1.29 5.63 7.62
CA GLN B 121 0.74 5.42 6.29
C GLN B 121 -0.04 4.12 6.18
N ALA B 122 0.43 3.05 6.81
CA ALA B 122 -0.29 1.79 6.73
C ALA B 122 -1.56 1.83 7.55
N ALA B 123 -1.55 2.53 8.68
CA ALA B 123 -2.79 2.76 9.39
C ALA B 123 -3.83 3.40 8.49
N VAL B 124 -3.42 4.38 7.68
CA VAL B 124 -4.38 5.14 6.89
C VAL B 124 -4.79 4.38 5.63
N GLN B 125 -3.79 3.90 4.87
CA GLN B 125 -4.03 3.36 3.54
C GLN B 125 -4.39 1.89 3.51
N LEU B 126 -3.99 1.10 4.52
CA LEU B 126 -4.37 -0.30 4.62
C LEU B 126 -5.28 -0.58 5.80
N SER B 127 -5.62 0.43 6.60
CA SER B 127 -6.33 0.24 7.88
C SER B 127 -5.63 -0.76 8.80
N ASP B 128 -4.29 -0.84 8.71
CA ASP B 128 -3.54 -1.78 9.53
C ASP B 128 -3.77 -1.56 11.02
N ASN B 129 -4.32 -2.59 11.69
CA ASN B 129 -4.66 -2.47 13.11
C ASN B 129 -3.43 -2.51 14.01
N GLY B 130 -2.48 -3.40 13.72
CA GLY B 130 -1.25 -3.44 14.50
C GLY B 130 -0.48 -2.13 14.43
N ALA B 131 -0.43 -1.53 13.23
CA ALA B 131 0.25 -0.26 13.07
C ALA B 131 -0.48 0.84 13.85
N THR B 132 -1.80 0.80 13.84
CA THR B 132 -2.58 1.75 14.61
C THR B 132 -2.27 1.62 16.09
N ASN B 133 -2.20 0.38 16.58
CA ASN B 133 -1.96 0.19 18.00
C ASN B 133 -0.54 0.57 18.36
N LEU B 134 0.39 0.43 17.41
CA LEU B 134 1.77 0.82 17.65
C LEU B 134 1.86 2.32 17.83
N LEU B 135 1.17 3.08 17.00
CA LEU B 135 1.22 4.53 17.15
C LEU B 135 0.57 4.92 18.45
N LEU B 136 -0.55 4.27 18.79
CA LEU B 136 -1.21 4.55 20.04
C LEU B 136 -0.29 4.29 21.23
N ARG B 137 0.53 3.25 21.15
CA ARG B 137 1.47 2.98 22.24
C ARG B 137 2.39 4.18 22.42
N GLU B 138 2.83 4.77 21.31
CA GLU B 138 3.82 5.83 21.33
C GLU B 138 3.27 7.22 21.64
N ILE B 139 1.99 7.47 21.41
CA ILE B 139 1.46 8.81 21.61
C ILE B 139 0.74 8.98 22.93
N GLY B 140 0.51 7.91 23.67
CA GLY B 140 -0.25 7.99 24.89
C GLY B 140 -1.62 7.37 24.86
N GLY B 141 -1.89 6.47 23.93
CA GLY B 141 -3.13 5.71 23.94
C GLY B 141 -4.36 6.48 23.47
N PRO B 142 -5.52 5.82 23.59
CA PRO B 142 -6.79 6.49 23.23
C PRO B 142 -7.03 7.81 23.94
N ALA B 143 -6.61 7.96 25.19
CA ALA B 143 -6.79 9.24 25.86
C ALA B 143 -6.13 10.37 25.08
N ALA B 144 -4.96 10.09 24.51
CA ALA B 144 -4.25 11.09 23.71
C ALA B 144 -4.95 11.38 22.39
N MET B 145 -5.53 10.37 21.75
CA MET B 145 -6.31 10.64 20.56
C MET B 145 -7.44 11.61 20.89
N THR B 146 -8.18 11.31 21.96
CA THR B 146 -9.31 12.14 22.35
C THR B 146 -8.86 13.54 22.66
N GLN B 147 -7.74 13.68 23.40
CA GLN B 147 -7.20 15.00 23.68
C GLN B 147 -6.87 15.76 22.40
N TYR B 148 -6.43 15.06 21.35
CA TYR B 148 -6.14 15.77 20.11
C TYR B 148 -7.43 16.27 19.46
N PHE B 149 -8.48 15.46 19.46
CA PHE B 149 -9.76 15.94 18.98
C PHE B 149 -10.09 17.27 19.66
N ARG B 150 -9.97 17.31 21.00
CA ARG B 150 -10.30 18.53 21.75
C ARG B 150 -9.42 19.70 21.31
N LYS B 151 -8.14 19.44 21.07
CA LYS B 151 -7.23 20.50 20.65
C LYS B 151 -7.71 21.19 19.38
N ILE B 152 -8.31 20.44 18.45
CA ILE B 152 -8.70 20.99 17.17
C ILE B 152 -10.20 21.30 17.14
N GLY B 153 -10.79 21.53 18.30
CA GLY B 153 -12.15 22.03 18.36
C GLY B 153 -13.23 20.98 18.25
N ASP B 154 -12.88 19.70 18.30
CA ASP B 154 -13.84 18.61 18.30
C ASP B 154 -14.05 18.20 19.77
N SER B 155 -15.18 18.61 20.33
CA SER B 155 -15.53 18.26 21.69
C SER B 155 -16.35 16.98 21.76
N VAL B 156 -16.49 16.29 20.62
CA VAL B 156 -17.44 15.19 20.45
C VAL B 156 -16.70 13.86 20.26
N SER B 157 -15.85 13.78 19.24
CA SER B 157 -15.23 12.50 18.88
C SER B 157 -14.41 11.98 20.06
N ARG B 158 -14.47 10.67 20.27
CA ARG B 158 -13.75 10.09 21.39
C ARG B 158 -13.27 8.69 21.03
N LEU B 159 -11.99 8.44 21.27
CA LEU B 159 -11.42 7.11 21.18
C LEU B 159 -11.19 6.61 22.60
N ASP B 160 -11.68 5.42 22.89
CA ASP B 160 -11.59 4.85 24.22
C ASP B 160 -10.83 3.55 24.24
N ARG B 161 -10.63 2.91 23.11
CA ARG B 161 -10.11 1.55 23.08
C ARG B 161 -9.17 1.42 21.89
N LYS B 162 -8.26 0.46 21.99
CA LYS B 162 -7.40 0.11 20.88
C LYS B 162 -8.15 -0.80 19.92
N GLU B 163 -7.51 -1.12 18.77
CA GLU B 163 -8.10 -2.07 17.83
C GLU B 163 -7.86 -3.52 18.29
N PRO B 164 -8.79 -4.44 17.99
CA PRO B 164 -10.04 -4.27 17.25
C PRO B 164 -11.23 -3.99 18.15
N GLU B 165 -11.11 -4.02 19.48
CA GLU B 165 -12.30 -3.90 20.31
C GLU B 165 -12.95 -2.52 20.24
N MET B 166 -12.28 -1.51 19.67
CA MET B 166 -12.91 -0.20 19.53
C MET B 166 -14.04 -0.21 18.52
N GLY B 167 -14.14 -1.26 17.70
CA GLY B 167 -15.21 -1.43 16.75
C GLY B 167 -16.35 -2.32 17.19
N ASP B 168 -16.37 -2.76 18.47
CA ASP B 168 -17.45 -3.60 18.97
C ASP B 168 -18.82 -3.01 18.69
N ASN B 169 -18.95 -1.68 18.75
CA ASN B 169 -20.15 -0.98 18.30
C ASN B 169 -21.41 -1.54 18.94
N THR B 170 -21.37 -1.67 20.26
CA THR B 170 -22.55 -2.00 21.05
C THR B 170 -23.55 -0.84 21.01
N PRO B 171 -24.80 -1.05 20.60
CA PRO B 171 -25.73 0.07 20.48
C PRO B 171 -25.94 0.73 21.83
N GLY B 172 -25.82 2.05 21.84
CA GLY B 172 -25.96 2.83 23.03
C GLY B 172 -24.65 3.20 23.68
N ASP B 173 -23.58 2.53 23.31
CA ASP B 173 -22.27 2.68 23.93
C ASP B 173 -21.63 3.93 23.34
N LEU B 174 -21.27 4.86 24.21
CA LEU B 174 -20.69 6.11 23.76
C LEU B 174 -19.21 6.00 23.44
N ARG B 175 -18.55 4.93 23.88
CA ARG B 175 -17.14 4.79 23.58
C ARG B 175 -16.93 4.70 22.07
N ASP B 176 -15.86 5.33 21.60
CA ASP B 176 -15.39 5.12 20.24
C ASP B 176 -16.38 5.64 19.19
N THR B 177 -17.02 6.77 19.50
CA THR B 177 -18.06 7.35 18.69
C THR B 177 -17.71 8.76 18.24
N THR B 178 -18.48 9.23 17.28
CA THR B 178 -18.41 10.59 16.78
C THR B 178 -19.78 10.94 16.24
N THR B 179 -19.93 12.14 15.71
CA THR B 179 -21.10 12.52 14.96
C THR B 179 -20.66 12.95 13.57
N PRO B 180 -21.51 12.82 12.55
CA PRO B 180 -21.12 13.24 11.20
C PRO B 180 -20.62 14.68 11.14
N ILE B 181 -21.30 15.60 11.83
CA ILE B 181 -20.86 16.98 11.74
C ILE B 181 -19.55 17.17 12.50
N ALA B 182 -19.38 16.48 13.63
CA ALA B 182 -18.14 16.65 14.38
C ALA B 182 -16.96 16.19 13.56
N MET B 183 -17.07 14.99 12.97
CA MET B 183 -15.98 14.43 12.19
C MET B 183 -15.76 15.20 10.89
N ALA B 184 -16.83 15.55 10.18
CA ALA B 184 -16.68 16.33 8.96
C ALA B 184 -15.89 17.60 9.23
N ARG B 185 -16.21 18.29 10.32
CA ARG B 185 -15.48 19.51 10.65
C ARG B 185 -14.05 19.21 11.12
N THR B 186 -13.82 18.08 11.77
CA THR B 186 -12.43 17.70 12.06
C THR B 186 -11.67 17.43 10.78
N VAL B 187 -12.29 16.77 9.80
CA VAL B 187 -11.64 16.57 8.51
C VAL B 187 -11.25 17.92 7.92
N ALA B 188 -12.21 18.85 7.83
CA ALA B 188 -11.93 20.17 7.28
C ALA B 188 -10.82 20.88 8.04
N LYS B 189 -10.82 20.77 9.37
CA LYS B 189 -9.78 21.45 10.15
C LYS B 189 -8.39 20.91 9.81
N VAL B 190 -8.29 19.59 9.59
CA VAL B 190 -7.00 19.01 9.24
C VAL B 190 -6.59 19.38 7.82
N LEU B 191 -7.51 19.32 6.88
CA LEU B 191 -7.14 19.48 5.48
C LEU B 191 -7.08 20.93 5.04
N TYR B 192 -7.90 21.80 5.64
CA TYR B 192 -8.08 23.16 5.15
C TYR B 192 -7.90 24.22 6.21
N GLY B 193 -8.12 23.85 7.47
CA GLY B 193 -8.24 24.81 8.55
C GLY B 193 -6.95 25.09 9.29
N GLY B 194 -5.83 24.70 8.70
CA GLY B 194 -4.53 25.06 9.25
C GLY B 194 -4.06 24.28 10.45
N ALA B 195 -4.65 23.12 10.75
CA ALA B 195 -4.17 22.33 11.87
C ALA B 195 -2.77 21.79 11.64
N LEU B 196 -2.34 21.68 10.38
CA LEU B 196 -1.04 21.11 10.08
C LEU B 196 -0.28 22.08 9.20
N THR B 197 1.05 22.02 9.23
CA THR B 197 1.81 22.79 8.27
C THR B 197 1.41 22.41 6.85
N SER B 198 1.71 23.31 5.89
CA SER B 198 1.44 23.01 4.49
C SER B 198 2.04 21.68 4.07
N THR B 199 3.27 21.37 4.49
CA THR B 199 3.90 20.10 4.12
C THR B 199 3.16 18.89 4.67
N SER B 200 2.87 18.90 5.96
CA SER B 200 2.18 17.76 6.52
C SER B 200 0.77 17.65 5.92
N THR B 201 0.14 18.78 5.68
CA THR B 201 -1.21 18.75 5.10
C THR B 201 -1.20 18.04 3.75
N HIS B 202 -0.26 18.43 2.90
CA HIS B 202 -0.15 17.82 1.59
C HIS B 202 0.10 16.33 1.71
N THR B 203 1.02 15.95 2.61
CA THR B 203 1.35 14.53 2.75
C THR B 203 0.14 13.71 3.14
N ILE B 204 -0.62 14.20 4.13
CA ILE B 204 -1.77 13.43 4.60
C ILE B 204 -2.88 13.41 3.54
N GLU B 205 -3.07 14.51 2.82
CA GLU B 205 -3.98 14.48 1.67
C GLU B 205 -3.58 13.42 0.65
N ARG B 206 -2.29 13.28 0.35
CA ARG B 206 -1.89 12.29 -0.63
C ARG B 206 -2.17 10.89 -0.12
N TRP B 207 -2.01 10.67 1.18
CA TRP B 207 -2.27 9.35 1.72
C TRP B 207 -3.73 8.99 1.52
N LEU B 208 -4.61 9.98 1.73
CA LEU B 208 -6.05 9.73 1.65
C LEU B 208 -6.47 9.41 0.23
N ILE B 209 -5.91 10.12 -0.75
CA ILE B 209 -6.16 9.84 -2.15
C ILE B 209 -5.70 8.43 -2.47
N GLY B 210 -4.50 8.08 -2.01
CA GLY B 210 -3.94 6.77 -2.29
C GLY B 210 -4.48 5.66 -1.42
N ASN B 211 -5.48 5.95 -0.61
CA ASN B 211 -6.10 4.92 0.21
C ASN B 211 -6.39 3.67 -0.62
N GLN B 212 -6.21 2.49 0.00
CA GLN B 212 -6.40 1.24 -0.72
C GLN B 212 -7.71 0.53 -0.41
N THR B 213 -8.46 0.96 0.61
CA THR B 213 -9.62 0.19 1.06
C THR B 213 -10.96 0.78 0.63
N GLY B 214 -10.96 1.84 -0.17
CA GLY B 214 -12.16 2.61 -0.44
C GLY B 214 -12.74 2.45 -1.84
N ASP B 215 -12.27 1.49 -2.63
CA ASP B 215 -12.67 1.47 -4.04
C ASP B 215 -14.16 1.22 -4.21
N ALA B 216 -14.81 0.59 -3.23
CA ALA B 216 -16.20 0.17 -3.38
C ALA B 216 -17.16 0.99 -2.54
N THR B 217 -16.67 2.00 -1.83
CA THR B 217 -17.48 2.81 -0.95
C THR B 217 -17.68 4.18 -1.61
N LEU B 218 -17.39 5.29 -0.95
CA LEU B 218 -17.86 6.58 -1.44
C LEU B 218 -17.30 6.89 -2.82
N ARG B 219 -15.99 6.70 -3.00
CA ARG B 219 -15.38 6.95 -4.33
C ARG B 219 -16.19 6.35 -5.45
N ALA B 220 -16.73 5.15 -5.26
CA ALA B 220 -17.47 4.46 -6.29
C ALA B 220 -18.74 5.19 -6.67
N GLY B 221 -19.19 6.15 -5.87
CA GLY B 221 -20.40 6.91 -6.14
C GLY B 221 -20.09 8.33 -6.49
N PHE B 222 -18.89 8.68 -6.63
CA PHE B 222 -18.51 10.03 -6.97
C PHE B 222 -17.97 10.11 -8.40
N PRO B 223 -18.09 11.27 -9.06
CA PRO B 223 -17.50 11.44 -10.41
C PRO B 223 -16.00 11.20 -10.40
N LYS B 224 -15.54 10.49 -11.42
CA LYS B 224 -14.14 10.10 -11.43
C LYS B 224 -13.20 11.25 -11.77
N ASP B 225 -13.72 12.44 -12.11
CA ASP B 225 -12.88 13.62 -12.27
C ASP B 225 -12.68 14.41 -10.97
N TRP B 226 -13.49 14.16 -9.94
CA TRP B 226 -13.26 14.78 -8.64
C TRP B 226 -11.98 14.26 -7.99
N VAL B 227 -11.24 15.15 -7.35
CA VAL B 227 -10.16 14.68 -6.49
C VAL B 227 -10.78 14.26 -5.17
N VAL B 228 -10.54 13.02 -4.78
CA VAL B 228 -11.21 12.41 -3.65
C VAL B 228 -10.16 11.67 -2.84
N GLY B 229 -10.17 11.85 -1.51
CA GLY B 229 -9.40 10.97 -0.63
C GLY B 229 -10.24 10.66 0.58
N GLU B 230 -10.03 9.49 1.18
CA GLU B 230 -10.91 9.12 2.28
C GLU B 230 -10.38 7.93 3.06
N LYS B 231 -11.06 7.66 4.19
CA LYS B 231 -10.75 6.55 5.10
C LYS B 231 -12.04 5.84 5.44
N THR B 232 -12.04 4.55 5.22
CA THR B 232 -13.18 3.72 5.51
C THR B 232 -13.13 3.24 6.95
N GLY B 233 -14.26 2.74 7.41
CA GLY B 233 -14.33 2.06 8.69
C GLY B 233 -15.37 0.98 8.59
N THR B 234 -15.11 -0.13 9.29
CA THR B 234 -16.04 -1.24 9.32
C THR B 234 -16.15 -1.76 10.75
N CYS B 235 -17.38 -1.83 11.26
CA CYS B 235 -17.65 -2.19 12.64
C CYS B 235 -18.55 -3.40 12.72
N ALA B 236 -18.47 -4.11 13.85
CA ALA B 236 -19.47 -5.10 14.17
C ALA B 236 -20.84 -4.42 14.26
N ASN B 237 -21.89 -5.24 14.20
CA ASN B 237 -23.25 -4.76 14.34
C ASN B 237 -23.65 -3.82 13.21
N GLY B 238 -23.04 -3.99 12.04
CA GLY B 238 -23.51 -3.35 10.84
C GLY B 238 -22.96 -1.98 10.56
N GLY B 239 -21.83 -1.59 11.15
CA GLY B 239 -21.30 -0.27 10.89
C GLY B 239 -20.44 -0.25 9.63
N ARG B 240 -20.64 0.79 8.83
CA ARG B 240 -19.85 0.92 7.59
C ARG B 240 -19.74 2.41 7.27
N ASN B 241 -18.52 2.94 7.32
CA ASN B 241 -18.27 4.37 7.31
C ASN B 241 -17.27 4.72 6.23
N ASP B 242 -17.20 6.01 5.92
CA ASP B 242 -16.19 6.51 4.97
C ASP B 242 -16.14 8.02 5.14
N ILE B 243 -14.97 8.58 5.49
CA ILE B 243 -14.81 10.03 5.70
C ILE B 243 -13.64 10.54 4.87
N GLY B 244 -13.72 11.81 4.49
CA GLY B 244 -12.62 12.41 3.77
C GLY B 244 -12.99 13.67 3.07
N PHE B 245 -12.43 13.90 1.88
CA PHE B 245 -12.63 15.14 1.13
C PHE B 245 -12.95 14.89 -0.33
N PHE B 246 -13.59 15.88 -0.98
CA PHE B 246 -13.62 15.89 -2.43
C PHE B 246 -13.55 17.31 -2.97
N LYS B 247 -12.88 17.45 -4.11
CA LYS B 247 -12.78 18.71 -4.83
C LYS B 247 -13.62 18.61 -6.08
N ALA B 248 -14.62 19.47 -6.20
CA ALA B 248 -15.54 19.47 -7.32
C ALA B 248 -15.82 20.91 -7.69
N GLN B 249 -16.11 21.13 -8.97
CA GLN B 249 -16.45 22.44 -9.49
C GLN B 249 -15.62 23.55 -8.85
N GLU B 250 -14.31 23.33 -8.79
CA GLU B 250 -13.37 24.34 -8.30
C GLU B 250 -13.56 24.63 -6.82
N ARG B 251 -14.29 23.78 -6.11
CA ARG B 251 -14.59 23.95 -4.71
C ARG B 251 -14.05 22.74 -3.95
N ASP B 252 -13.85 22.92 -2.64
CA ASP B 252 -13.36 21.87 -1.78
C ASP B 252 -14.40 21.58 -0.70
N TYR B 253 -14.54 20.32 -0.36
CA TYR B 253 -15.49 19.89 0.65
C TYR B 253 -14.85 18.87 1.56
N ALA B 254 -15.36 18.79 2.79
CA ALA B 254 -15.06 17.71 3.72
C ALA B 254 -16.35 16.95 3.94
N VAL B 255 -16.25 15.62 4.04
CA VAL B 255 -17.44 14.78 4.10
C VAL B 255 -17.19 13.68 5.13
N ALA B 256 -18.25 13.30 5.84
CA ALA B 256 -18.22 12.19 6.79
C ALA B 256 -19.52 11.42 6.62
N VAL B 257 -19.41 10.13 6.35
CA VAL B 257 -20.57 9.26 6.15
C VAL B 257 -20.41 8.11 7.13
N TYR B 258 -21.40 7.91 7.98
CA TYR B 258 -21.46 6.79 8.93
C TYR B 258 -22.79 6.09 8.73
N THR B 259 -22.78 4.76 8.56
CA THR B 259 -24.01 3.99 8.36
C THR B 259 -24.07 2.80 9.32
N THR B 260 -25.30 2.47 9.73
CA THR B 260 -25.59 1.29 10.54
C THR B 260 -26.64 0.46 9.82
N ALA B 261 -26.25 -0.72 9.37
CA ALA B 261 -27.15 -1.61 8.65
C ALA B 261 -26.87 -3.02 9.15
N PRO B 262 -27.42 -3.38 10.30
CA PRO B 262 -27.02 -4.66 10.92
C PRO B 262 -27.46 -5.88 10.14
N LYS B 263 -28.44 -5.76 9.23
CA LYS B 263 -28.96 -6.91 8.50
C LYS B 263 -28.45 -7.02 7.07
N LEU B 264 -27.82 -5.99 6.53
CA LEU B 264 -27.23 -6.13 5.23
C LEU B 264 -26.01 -7.07 5.29
N SER B 265 -25.66 -7.60 4.13
CA SER B 265 -24.37 -8.26 3.98
C SER B 265 -23.29 -7.20 3.86
N ALA B 266 -22.05 -7.64 4.01
CA ALA B 266 -20.92 -6.73 3.85
C ALA B 266 -20.91 -6.08 2.46
N VAL B 267 -21.08 -6.89 1.40
CA VAL B 267 -21.10 -6.31 0.07
C VAL B 267 -22.22 -5.29 -0.05
N GLU B 268 -23.36 -5.60 0.56
CA GLU B 268 -24.52 -4.72 0.49
C GLU B 268 -24.28 -3.42 1.24
N ARG B 269 -23.42 -3.46 2.26
CA ARG B 269 -23.11 -2.22 2.97
C ARG B 269 -22.24 -1.32 2.12
N ASP B 270 -21.30 -1.92 1.39
CA ASP B 270 -20.50 -1.18 0.42
C ASP B 270 -21.41 -0.50 -0.59
N GLU B 271 -22.36 -1.25 -1.16
CA GLU B 271 -23.33 -0.68 -2.08
C GLU B 271 -24.05 0.50 -1.45
N LEU B 272 -24.44 0.34 -0.20
CA LEU B 272 -25.13 1.41 0.50
C LEU B 272 -24.31 2.70 0.52
N VAL B 273 -23.04 2.61 0.92
CA VAL B 273 -22.23 3.83 1.03
C VAL B 273 -21.92 4.38 -0.37
N ALA B 274 -21.72 3.51 -1.35
CA ALA B 274 -21.60 3.95 -2.74
C ALA B 274 -22.86 4.68 -3.18
N SER B 275 -24.04 4.17 -2.82
CA SER B 275 -25.27 4.86 -3.17
C SER B 275 -25.37 6.20 -2.44
N VAL B 276 -24.90 6.27 -1.19
CA VAL B 276 -24.84 7.57 -0.52
C VAL B 276 -23.92 8.49 -1.31
N GLY B 277 -22.85 7.93 -1.88
CA GLY B 277 -21.98 8.71 -2.76
C GLY B 277 -22.74 9.36 -3.89
N GLN B 278 -23.61 8.58 -4.55
CA GLN B 278 -24.43 9.08 -5.64
C GLN B 278 -25.36 10.19 -5.18
N VAL B 279 -25.97 10.02 -4.01
CA VAL B 279 -26.87 11.04 -3.51
C VAL B 279 -26.13 12.34 -3.28
N ILE B 280 -24.92 12.27 -2.73
CA ILE B 280 -24.07 13.45 -2.57
C ILE B 280 -23.72 14.03 -3.94
N THR B 281 -23.38 13.17 -4.90
CA THR B 281 -23.11 13.62 -6.25
C THR B 281 -24.27 14.45 -6.80
N GLN B 282 -25.49 13.94 -6.66
CA GLN B 282 -26.63 14.63 -7.24
C GLN B 282 -26.81 15.99 -6.59
N LEU B 283 -26.67 16.05 -5.26
CA LEU B 283 -26.83 17.32 -4.56
C LEU B 283 -25.77 18.33 -4.99
N ILE B 284 -24.51 17.89 -5.10
CA ILE B 284 -23.44 18.82 -5.46
C ILE B 284 -23.62 19.33 -6.89
N LEU B 285 -23.95 18.45 -7.82
CA LEU B 285 -24.16 18.89 -9.21
C LEU B 285 -25.49 19.62 -9.40
N SER B 286 -26.40 19.51 -8.44
CA SER B 286 -27.64 20.26 -8.45
C SER B 286 -27.29 21.75 -8.50
N1 EPE C . -0.75 -9.74 -9.61
C2 EPE C . -1.59 -10.88 -10.07
C3 EPE C . -3.06 -10.47 -10.08
N4 EPE C . -3.40 -9.67 -8.87
C5 EPE C . -2.64 -8.37 -8.85
C6 EPE C . -1.47 -8.45 -9.81
C7 EPE C . -3.34 -10.41 -7.56
C8 EPE C . -4.55 -10.12 -6.70
O8 EPE C . -4.52 -8.77 -6.23
C9 EPE C . 0.64 -9.72 -10.20
C10 EPE C . 1.60 -9.35 -9.11
S EPE C . 3.28 -9.36 -9.64
O1S EPE C . 4.02 -8.62 -8.65
O2S EPE C . 3.70 -10.74 -9.73
O3S EPE C . 3.32 -8.64 -10.91
H21 EPE C . -1.44 -11.63 -9.46
H22 EPE C . -1.28 -11.13 -10.97
H31 EPE C . -3.65 -11.26 -10.08
H32 EPE C . -3.26 -9.92 -10.87
H51 EPE C . -2.32 -8.22 -7.94
H52 EPE C . -3.25 -7.65 -9.11
H61 EPE C . -0.83 -7.71 -9.66
H62 EPE C . -1.77 -8.43 -10.74
H71 EPE C . -2.52 -10.12 -7.12
H72 EPE C . -3.29 -11.36 -7.78
H81 EPE C . -4.57 -10.70 -5.92
H82 EPE C . -5.37 -10.23 -7.21
HO8 EPE C . -5.30 -8.61 -5.91
H91 EPE C . 0.82 -10.61 -10.57
H92 EPE C . 0.64 -9.07 -10.93
H101 EPE C . 1.56 -9.99 -8.37
H102 EPE C . 1.44 -8.45 -8.77
HOS3 EPE C . 4.06 -8.77 -11.29
HN1 EPE C . -0.62 -9.87 -8.74
HN4 EPE C . -4.27 -9.52 -8.86
N1 EPE D . -10.11 -4.00 5.23
C2 EPE D . -11.09 -5.14 5.24
C3 EPE D . -10.40 -6.40 5.72
N4 EPE D . -9.37 -6.84 4.73
C5 EPE D . -8.65 -5.65 4.15
C6 EPE D . -8.71 -4.51 5.16
C7 EPE D . -9.92 -7.75 3.67
C8 EPE D . -9.02 -8.95 3.49
O8 EPE D . -9.08 -9.74 4.66
C9 EPE D . -10.31 -3.06 6.38
C10 EPE D . -11.56 -2.24 6.12
S EPE D . -11.70 -0.71 6.98
O1S EPE D . -11.29 -0.93 8.35
O2S EPE D . -10.87 0.23 6.26
O3S EPE D . -13.10 -0.39 6.92
H21 EPE D . -11.41 -5.26 4.31
H22 EPE D . -11.83 -4.89 5.82
H31 EPE D . -11.03 -7.15 5.83
H32 EPE D . -9.93 -6.25 6.58
H51 EPE D . -7.73 -5.92 3.98
H52 EPE D . -9.10 -5.40 3.32
H61 EPE D . -8.13 -3.78 4.87
H62 EPE D . -8.45 -4.82 6.05
H71 EPE D . -10.81 -8.03 3.97
H72 EPE D . -9.98 -7.23 2.85
H81 EPE D . -9.32 -9.50 2.73
H82 EPE D . -8.09 -8.68 3.34
HO8 EPE D . -9.01 -10.55 4.41
H91 EPE D . -9.52 -2.48 6.44
H92 EPE D . -10.38 -3.59 7.21
H101 EPE D . -11.64 -2.01 5.18
H102 EPE D . -12.36 -2.75 6.40
HOS3 EPE D . -13.23 0.31 6.43
HN1 EPE D . -10.30 -3.53 4.50
HN4 EPE D . -8.78 -7.39 5.09
#